data_7WGI
#
_entry.id   7WGI
#
_cell.length_a   206.468
_cell.length_b   206.468
_cell.length_c   206.468
_cell.angle_alpha   90.000
_cell.angle_beta   90.000
_cell.angle_gamma   90.000
#
_symmetry.space_group_name_H-M   'F 2 3'
#
loop_
_entity.id
_entity.type
_entity.pdbx_description
1 polymer 'Squalene synthase'
2 non-polymer INDOLE
3 non-polymer 'PHOSPHATE ION'
4 water water
#
_entity_poly.entity_id   1
_entity_poly.type   'polypeptide(L)'
_entity_poly.pdbx_seq_one_letter_code
;MRATEVLYYMLRPSQLRSIVQWKVWHNPVHERNVNNETETQKACFKFLDLTSRSFSAVIKELHPELLLPVCVFYLVLRGL
DTIEDDTSIPLKTKEPMLREFKDYLEQDGWTFDGNRPEEKDRELLVQFHNVITEFKNMKPAYREIVKDITDKMGNGMADY
CRKAEFEDASVKTIEEYDLYCYYVAGLVGEGLTRLFVEAEFGNPALLSRPRLHKSMGLFLQKTNIIRDVREDHDDDRHFW
PKEIWSKYVTEFEDLFKPENRETALNCGSEMVLNALEHAEECLFYLAGLREQSVFNFCAIPQAMAIATLELCFRNPDMFD
RNIKITKGEACQLMMESTQNLHVLCDTFRRYARRIHKKNTPKDPNFLKISIVCGKIEKFIDTIFPQQTAAQAKLKVQGEK
SEAEKEKARQEAETRQDLYFMLALMGVIVLIVSIIMLTAAWLLGARFDLAFQELKSGNFRPPAKQIPGEL
;
_entity_poly.pdbx_strand_id   A
#
# COMPACT_ATOMS: atom_id res chain seq x y z
N ASN A 36 13.10 -22.64 19.39
CA ASN A 36 12.53 -22.11 20.66
C ASN A 36 11.63 -20.92 20.34
N GLU A 37 10.43 -21.19 19.83
CA GLU A 37 9.48 -20.10 19.50
C GLU A 37 8.39 -20.07 20.57
N THR A 38 8.18 -18.91 21.19
CA THR A 38 7.10 -18.77 22.19
C THR A 38 5.75 -18.87 21.47
N GLU A 39 4.71 -19.23 22.20
CA GLU A 39 3.36 -19.37 21.59
C GLU A 39 2.85 -17.99 21.18
N THR A 40 3.18 -16.95 21.94
CA THR A 40 2.80 -15.57 21.54
C THR A 40 3.36 -15.35 20.15
N GLN A 41 4.63 -15.71 19.93
CA GLN A 41 5.28 -15.53 18.62
C GLN A 41 4.56 -16.38 17.58
N LYS A 42 4.26 -17.64 17.92
CA LYS A 42 3.63 -18.55 16.93
C LYS A 42 2.29 -17.97 16.52
N ALA A 43 1.54 -17.44 17.48
CA ALA A 43 0.21 -16.84 17.18
C ALA A 43 0.38 -15.66 16.24
N CYS A 44 1.35 -14.78 16.56
CA CYS A 44 1.54 -13.57 15.73
C CYS A 44 1.87 -14.00 14.30
N PHE A 45 2.70 -15.05 14.17
CA PHE A 45 3.08 -15.53 12.82
C PHE A 45 1.87 -16.23 12.17
N LYS A 46 1.07 -16.92 12.98
CA LYS A 46 -0.14 -17.55 12.44
C LYS A 46 -1.06 -16.47 11.89
N PHE A 47 -1.37 -15.48 12.73
CA PHE A 47 -2.18 -14.37 12.24
C PHE A 47 -1.49 -13.67 11.07
N LEU A 48 -0.16 -13.62 11.05
CA LEU A 48 0.53 -13.02 9.91
C LEU A 48 0.20 -13.77 8.63
N ASP A 49 0.21 -15.11 8.68
CA ASP A 49 -0.18 -15.91 7.52
C ASP A 49 -1.62 -15.60 7.10
N LEU A 50 -2.52 -15.48 8.07
CA LEU A 50 -3.94 -15.34 7.78
C LEU A 50 -4.32 -13.96 7.26
N THR A 51 -3.57 -12.91 7.59
CA THR A 51 -3.91 -11.56 7.13
C THR A 51 -3.14 -11.10 5.89
N SER A 52 -1.84 -11.37 5.81
CA SER A 52 -1.06 -10.92 4.66
C SER A 52 -0.98 -11.96 3.56
N ARG A 53 -1.54 -13.16 3.78
CA ARG A 53 -1.56 -14.22 2.79
C ARG A 53 -0.18 -14.48 2.19
N SER A 54 -0.01 -14.18 0.89
CA SER A 54 1.25 -14.53 0.24
C SER A 54 2.43 -13.72 0.77
N PHE A 55 2.19 -12.49 1.21
CA PHE A 55 3.30 -11.64 1.63
C PHE A 55 3.97 -12.15 2.91
N SER A 56 3.22 -12.86 3.76
CA SER A 56 3.78 -13.39 5.00
C SER A 56 5.09 -14.14 4.78
N ALA A 57 5.28 -14.71 3.59
CA ALA A 57 6.50 -15.47 3.33
C ALA A 57 7.73 -14.57 3.31
N VAL A 58 7.64 -13.41 2.67
CA VAL A 58 8.81 -12.54 2.59
C VAL A 58 9.02 -11.79 3.90
N ILE A 59 7.94 -11.49 4.63
CA ILE A 59 8.09 -10.93 5.98
C ILE A 59 8.82 -11.91 6.88
N LYS A 60 8.49 -13.20 6.77
CA LYS A 60 9.11 -14.19 7.64
C LYS A 60 10.53 -14.55 7.22
N GLU A 61 10.98 -14.10 6.04
CA GLU A 61 12.38 -14.22 5.66
C GLU A 61 13.19 -13.00 6.05
N LEU A 62 12.60 -12.04 6.76
CA LEU A 62 13.33 -10.85 7.16
C LEU A 62 14.44 -11.21 8.14
N HIS A 63 15.51 -10.41 8.10
CA HIS A 63 16.59 -10.54 9.05
C HIS A 63 16.04 -10.53 10.47
N PRO A 64 16.53 -11.39 11.36
CA PRO A 64 15.92 -11.51 12.70
C PRO A 64 15.90 -10.22 13.51
N GLU A 65 16.74 -9.24 13.18
CA GLU A 65 16.71 -7.97 13.89
C GLU A 65 15.38 -7.24 13.71
N LEU A 66 14.72 -7.45 12.58
CA LEU A 66 13.47 -6.78 12.28
C LEU A 66 12.31 -7.73 12.00
N LEU A 67 12.55 -9.05 12.06
CA LEU A 67 11.51 -10.01 11.73
C LEU A 67 10.29 -9.84 12.64
N LEU A 68 10.50 -9.85 13.94
CA LEU A 68 9.39 -9.69 14.87
C LEU A 68 8.87 -8.25 14.87
N PRO A 69 9.74 -7.23 14.86
CA PRO A 69 9.23 -5.85 14.74
C PRO A 69 8.31 -5.63 13.55
N VAL A 70 8.73 -6.00 12.35
CA VAL A 70 7.88 -5.80 11.18
C VAL A 70 6.59 -6.62 11.31
N CYS A 71 6.70 -7.84 11.86
CA CYS A 71 5.50 -8.65 12.08
C CYS A 71 4.53 -7.97 13.04
N VAL A 72 5.05 -7.43 14.15
CA VAL A 72 4.22 -6.68 15.09
C VAL A 72 3.59 -5.48 14.38
N PHE A 73 4.41 -4.70 13.68
CA PHE A 73 3.93 -3.55 12.93
C PHE A 73 2.76 -3.92 12.03
N TYR A 74 2.87 -5.03 11.29
CA TYR A 74 1.79 -5.36 10.34
C TYR A 74 0.53 -5.76 11.10
N LEU A 75 0.65 -6.59 12.13
CA LEU A 75 -0.54 -7.02 12.84
C LEU A 75 -1.22 -5.87 13.56
N VAL A 76 -0.46 -4.87 13.99
CA VAL A 76 -1.05 -3.70 14.63
C VAL A 76 -1.86 -2.89 13.63
N LEU A 77 -1.26 -2.63 12.46
CA LEU A 77 -1.98 -1.91 11.42
C LEU A 77 -3.17 -2.72 10.90
N ARG A 78 -3.01 -4.05 10.79
CA ARG A 78 -4.15 -4.88 10.40
C ARG A 78 -5.24 -4.85 11.46
N GLY A 79 -4.85 -4.82 12.74
CA GLY A 79 -5.84 -4.64 13.78
C GLY A 79 -6.56 -3.30 13.68
N LEU A 80 -5.83 -2.26 13.26
CA LEU A 80 -6.46 -0.96 13.00
C LEU A 80 -7.50 -1.08 11.88
N ASP A 81 -7.15 -1.79 10.80
CA ASP A 81 -8.06 -1.92 9.67
C ASP A 81 -9.31 -2.68 10.04
N THR A 82 -9.18 -3.72 10.87
CA THR A 82 -10.35 -4.49 11.27
C THR A 82 -11.36 -3.64 12.03
N ILE A 83 -10.88 -2.65 12.80
CA ILE A 83 -11.79 -1.75 13.49
C ILE A 83 -12.39 -0.75 12.50
N GLU A 84 -11.53 -0.10 11.70
CA GLU A 84 -11.98 0.96 10.82
C GLU A 84 -12.98 0.47 9.78
N ASP A 85 -12.85 -0.78 9.34
CA ASP A 85 -13.66 -1.29 8.23
C ASP A 85 -14.99 -1.88 8.67
N ASP A 86 -15.14 -2.23 9.93
CA ASP A 86 -16.39 -2.81 10.44
C ASP A 86 -17.43 -1.69 10.59
N THR A 87 -18.39 -1.65 9.67
CA THR A 87 -19.43 -0.64 9.74
C THR A 87 -20.47 -0.94 10.80
N SER A 88 -20.43 -2.11 11.42
CA SER A 88 -21.33 -2.42 12.52
C SER A 88 -20.87 -1.80 13.84
N ILE A 89 -19.66 -1.25 13.89
CA ILE A 89 -19.18 -0.55 15.07
C ILE A 89 -19.56 0.93 14.93
N PRO A 90 -20.38 1.47 15.82
CA PRO A 90 -20.80 2.87 15.68
C PRO A 90 -19.63 3.81 15.89
N LEU A 91 -19.77 5.02 15.34
CA LEU A 91 -18.70 6.01 15.42
C LEU A 91 -18.36 6.34 16.86
N LYS A 92 -19.37 6.35 17.73
CA LYS A 92 -19.14 6.65 19.14
C LYS A 92 -18.13 5.69 19.75
N THR A 93 -18.14 4.43 19.32
CA THR A 93 -17.19 3.44 19.79
C THR A 93 -15.94 3.38 18.91
N LYS A 94 -16.11 3.49 17.59
CA LYS A 94 -14.99 3.24 16.67
C LYS A 94 -13.96 4.35 16.72
N GLU A 95 -14.41 5.61 16.63
CA GLU A 95 -13.49 6.74 16.62
C GLU A 95 -12.54 6.78 17.81
N PRO A 96 -12.98 6.57 19.06
CA PRO A 96 -12.00 6.53 20.16
C PRO A 96 -11.04 5.37 20.06
N MET A 97 -11.50 4.17 19.68
CA MET A 97 -10.59 3.05 19.52
C MET A 97 -9.49 3.37 18.52
N LEU A 98 -9.83 4.06 17.44
CA LEU A 98 -8.84 4.38 16.42
C LEU A 98 -7.84 5.40 16.93
N ARG A 99 -8.31 6.44 17.62
CA ARG A 99 -7.40 7.47 18.11
C ARG A 99 -6.55 6.97 19.28
N GLU A 100 -7.08 6.06 20.08
CA GLU A 100 -6.42 5.60 21.29
C GLU A 100 -5.65 4.29 21.11
N PHE A 101 -5.72 3.68 19.92
CA PHE A 101 -5.14 2.35 19.73
C PHE A 101 -3.67 2.30 20.08
N LYS A 102 -2.95 3.41 19.87
CA LYS A 102 -1.53 3.46 20.21
C LYS A 102 -1.31 3.21 21.71
N ASP A 103 -2.26 3.61 22.55
CA ASP A 103 -2.13 3.38 23.98
C ASP A 103 -2.53 1.96 24.37
N TYR A 104 -3.40 1.33 23.58
CA TYR A 104 -3.78 -0.05 23.87
C TYR A 104 -2.61 -1.00 23.71
N LEU A 105 -1.63 -0.66 22.87
CA LEU A 105 -0.47 -1.52 22.68
C LEU A 105 0.30 -1.75 23.97
N GLU A 106 0.05 -0.93 24.99
CA GLU A 106 0.76 -1.00 26.25
C GLU A 106 -0.03 -1.74 27.34
N GLN A 107 -1.20 -2.28 27.02
CA GLN A 107 -2.08 -2.90 28.02
C GLN A 107 -2.06 -4.42 27.83
N ASP A 108 -1.44 -5.12 28.77
CA ASP A 108 -1.38 -6.58 28.74
C ASP A 108 -2.76 -7.18 28.64
N GLY A 109 -2.93 -8.12 27.72
CA GLY A 109 -4.17 -8.86 27.60
C GLY A 109 -5.31 -8.14 26.91
N TRP A 110 -5.05 -6.97 26.30
CA TRP A 110 -6.11 -6.24 25.62
C TRP A 110 -6.73 -7.11 24.54
N THR A 111 -8.06 -7.20 24.56
CA THR A 111 -8.81 -7.96 23.59
C THR A 111 -9.99 -7.12 23.11
N PHE A 112 -10.64 -7.57 22.04
CA PHE A 112 -11.82 -6.89 21.54
C PHE A 112 -12.69 -7.89 20.77
N ASP A 113 -13.95 -8.00 21.18
CA ASP A 113 -14.89 -8.96 20.60
C ASP A 113 -16.10 -8.25 19.99
N GLY A 114 -16.00 -6.95 19.75
CA GLY A 114 -17.10 -6.17 19.26
C GLY A 114 -17.20 -6.05 17.75
N ASN A 115 -16.38 -6.77 17.00
CA ASN A 115 -16.58 -6.85 15.56
C ASN A 115 -17.85 -7.65 15.27
N ARG A 116 -18.49 -7.31 14.15
CA ARG A 116 -19.57 -8.15 13.64
C ARG A 116 -19.09 -9.59 13.55
N PRO A 117 -19.92 -10.57 13.93
CA PRO A 117 -19.41 -11.95 14.07
C PRO A 117 -18.86 -12.54 12.78
N GLU A 118 -18.91 -11.79 11.68
CA GLU A 118 -18.49 -12.28 10.37
C GLU A 118 -17.33 -11.50 9.75
N GLU A 119 -16.74 -10.54 10.47
CA GLU A 119 -15.57 -9.84 9.92
C GLU A 119 -14.42 -10.82 9.74
N LYS A 120 -13.73 -10.72 8.61
CA LYS A 120 -12.74 -11.72 8.22
C LYS A 120 -11.66 -11.89 9.28
N ASP A 121 -11.16 -10.79 9.83
CA ASP A 121 -10.01 -10.81 10.71
C ASP A 121 -10.37 -10.55 12.17
N ARG A 122 -11.62 -10.84 12.55
CA ARG A 122 -12.08 -10.72 13.93
C ARG A 122 -11.06 -11.22 14.95
N GLU A 123 -10.65 -12.48 14.79
CA GLU A 123 -9.90 -13.18 15.82
C GLU A 123 -8.55 -12.54 16.09
N LEU A 124 -8.02 -11.74 15.16
CA LEU A 124 -6.80 -11.00 15.46
C LEU A 124 -7.01 -10.06 16.64
N LEU A 125 -8.20 -9.44 16.73
CA LEU A 125 -8.46 -8.51 17.82
C LEU A 125 -8.91 -9.22 19.08
N VAL A 126 -9.54 -10.39 18.97
CA VAL A 126 -9.93 -11.11 20.17
C VAL A 126 -8.70 -11.80 20.78
N GLN A 127 -7.74 -12.23 19.96
CA GLN A 127 -6.47 -12.78 20.45
C GLN A 127 -5.33 -11.77 20.33
N PHE A 128 -5.64 -10.48 20.40
CA PHE A 128 -4.62 -9.45 20.22
C PHE A 128 -3.60 -9.41 21.35
N HIS A 129 -3.87 -10.09 22.47
CA HIS A 129 -2.93 -10.11 23.58
C HIS A 129 -1.57 -10.67 23.16
N ASN A 130 -1.51 -11.45 22.07
CA ASN A 130 -0.22 -11.93 21.58
C ASN A 130 0.57 -10.81 20.93
N VAL A 131 -0.10 -9.94 20.17
CA VAL A 131 0.59 -8.80 19.57
C VAL A 131 1.14 -7.88 20.65
N ILE A 132 0.35 -7.62 21.69
CA ILE A 132 0.79 -6.77 22.79
C ILE A 132 2.02 -7.37 23.46
N THR A 133 1.99 -8.67 23.74
CA THR A 133 3.13 -9.35 24.34
C THR A 133 4.39 -9.12 23.50
N GLU A 134 4.29 -9.35 22.19
CA GLU A 134 5.45 -9.19 21.33
C GLU A 134 5.79 -7.72 21.09
N PHE A 135 4.79 -6.83 21.14
CA PHE A 135 5.09 -5.41 21.05
C PHE A 135 5.98 -4.96 22.20
N LYS A 136 5.66 -5.40 23.42
CA LYS A 136 6.41 -5.00 24.59
C LYS A 136 7.78 -5.66 24.66
N ASN A 137 7.95 -6.81 24.03
CA ASN A 137 9.26 -7.45 23.93
C ASN A 137 10.18 -6.73 22.95
N MET A 138 9.66 -5.84 22.14
CA MET A 138 10.47 -5.14 21.14
C MET A 138 11.41 -4.16 21.80
N LYS A 139 12.56 -3.92 21.15
CA LYS A 139 13.51 -2.90 21.58
C LYS A 139 12.79 -1.56 21.68
N PRO A 140 13.17 -0.71 22.63
CA PRO A 140 12.42 0.54 22.85
C PRO A 140 12.38 1.45 21.63
N ALA A 141 13.43 1.46 20.81
CA ALA A 141 13.41 2.27 19.59
C ALA A 141 12.33 1.79 18.63
N TYR A 142 12.14 0.47 18.55
CA TYR A 142 11.11 -0.08 17.67
C TYR A 142 9.72 0.19 18.20
N ARG A 143 9.55 0.16 19.53
CA ARG A 143 8.23 0.42 20.11
C ARG A 143 7.81 1.86 19.91
N GLU A 144 8.76 2.80 19.98
CA GLU A 144 8.41 4.21 19.75
C GLU A 144 7.97 4.45 18.31
N ILE A 145 8.65 3.82 17.36
CA ILE A 145 8.28 3.98 15.95
C ILE A 145 6.88 3.43 15.70
N VAL A 146 6.64 2.18 16.12
CA VAL A 146 5.35 1.54 15.86
C VAL A 146 4.23 2.30 16.58
N LYS A 147 4.50 2.76 17.81
CA LYS A 147 3.49 3.49 18.56
C LYS A 147 3.18 4.83 17.90
N ASP A 148 4.20 5.53 17.39
CA ASP A 148 3.97 6.80 16.72
C ASP A 148 3.13 6.61 15.46
N ILE A 149 3.50 5.63 14.62
CA ILE A 149 2.75 5.39 13.39
C ILE A 149 1.32 4.97 13.70
N THR A 150 1.16 4.02 14.64
CA THR A 150 -0.18 3.64 15.08
C THR A 150 -0.98 4.86 15.51
N ASP A 151 -0.34 5.78 16.21
CA ASP A 151 -1.01 6.99 16.67
C ASP A 151 -1.39 7.89 15.50
N LYS A 152 -0.43 8.22 14.64
CA LYS A 152 -0.72 9.08 13.49
C LYS A 152 -1.73 8.45 12.56
N MET A 153 -1.57 7.15 12.28
CA MET A 153 -2.46 6.48 11.34
C MET A 153 -3.87 6.35 11.90
N GLY A 154 -3.99 5.85 13.13
CA GLY A 154 -5.31 5.66 13.73
C GLY A 154 -6.12 6.94 13.80
N ASN A 155 -5.46 8.07 14.00
CA ASN A 155 -6.16 9.35 14.06
C ASN A 155 -6.58 9.83 12.69
N GLY A 156 -5.73 9.64 11.67
CA GLY A 156 -6.16 9.92 10.31
C GLY A 156 -7.37 9.08 9.92
N MET A 157 -7.36 7.81 10.29
CA MET A 157 -8.52 6.95 10.04
C MET A 157 -9.75 7.50 10.76
N ALA A 158 -9.59 7.90 12.02
CA ALA A 158 -10.72 8.39 12.79
C ALA A 158 -11.27 9.68 12.20
N ASP A 159 -10.39 10.56 11.73
CA ASP A 159 -10.84 11.75 11.02
C ASP A 159 -11.64 11.38 9.78
N TYR A 160 -11.13 10.42 9.01
CA TYR A 160 -11.83 9.97 7.81
C TYR A 160 -13.17 9.35 8.14
N CYS A 161 -13.20 8.47 9.14
CA CYS A 161 -14.45 7.77 9.49
C CYS A 161 -15.50 8.80 9.93
N ARG A 162 -15.05 9.88 10.57
CA ARG A 162 -15.98 10.91 11.08
C ARG A 162 -16.62 11.64 9.89
N LYS A 163 -15.79 12.22 9.04
CA LYS A 163 -16.30 12.97 7.88
C LYS A 163 -17.31 12.12 7.13
N ALA A 164 -17.00 10.84 6.95
CA ALA A 164 -17.88 9.97 6.15
C ALA A 164 -19.27 9.93 6.77
N GLU A 165 -19.34 9.89 8.10
CA GLU A 165 -20.66 9.75 8.77
C GLU A 165 -21.41 11.07 8.71
N PHE A 166 -20.71 12.20 8.69
CA PHE A 166 -21.41 13.50 8.79
C PHE A 166 -21.31 14.30 7.49
N GLU A 167 -20.64 13.76 6.47
CA GLU A 167 -20.44 14.54 5.22
C GLU A 167 -20.39 13.59 4.03
N ASP A 168 -19.64 13.97 3.00
CA ASP A 168 -19.51 13.13 1.78
C ASP A 168 -18.22 12.31 1.87
N ALA A 169 -17.09 12.96 2.16
CA ALA A 169 -15.79 12.27 2.24
C ALA A 169 -15.40 11.72 0.86
N SER A 170 -16.05 12.22 -0.20
CA SER A 170 -15.69 11.78 -1.58
C SER A 170 -14.32 12.36 -1.93
N VAL A 171 -13.48 11.59 -2.62
CA VAL A 171 -12.19 12.17 -3.06
C VAL A 171 -12.47 13.11 -4.23
N LYS A 172 -12.28 14.41 -4.02
CA LYS A 172 -12.56 15.39 -5.04
C LYS A 172 -11.31 15.96 -5.70
N THR A 173 -10.19 16.05 -4.99
CA THR A 173 -8.97 16.62 -5.54
C THR A 173 -7.85 15.59 -5.49
N ILE A 174 -6.88 15.77 -6.39
CA ILE A 174 -5.67 14.95 -6.37
C ILE A 174 -4.96 15.10 -5.04
N GLU A 175 -4.99 16.32 -4.47
CA GLU A 175 -4.36 16.55 -3.17
C GLU A 175 -5.01 15.71 -2.08
N GLU A 176 -6.35 15.62 -2.09
CA GLU A 176 -7.03 14.74 -1.14
C GLU A 176 -6.66 13.28 -1.38
N TYR A 177 -6.79 12.84 -2.64
CA TYR A 177 -6.32 11.53 -3.08
C TYR A 177 -4.93 11.21 -2.54
N ASP A 178 -3.99 12.13 -2.72
CA ASP A 178 -2.63 11.93 -2.19
C ASP A 178 -2.63 11.93 -0.67
N LEU A 179 -3.52 12.68 -0.03
CA LEU A 179 -3.56 12.71 1.42
C LEU A 179 -4.10 11.40 1.99
N TYR A 180 -5.15 10.85 1.37
CA TYR A 180 -5.67 9.57 1.82
C TYR A 180 -4.63 8.47 1.67
N CYS A 181 -3.82 8.53 0.60
CA CYS A 181 -2.80 7.52 0.39
C CYS A 181 -1.66 7.67 1.39
N TYR A 182 -1.34 8.90 1.79
CA TYR A 182 -0.30 9.08 2.80
C TYR A 182 -0.68 8.46 4.13
N TYR A 183 -1.98 8.48 4.48
CA TYR A 183 -2.38 8.00 5.79
C TYR A 183 -2.47 6.48 5.83
N VAL A 184 -2.93 5.85 4.74
CA VAL A 184 -3.07 4.39 4.75
C VAL A 184 -1.86 3.68 4.17
N ALA A 185 -0.91 4.39 3.58
CA ALA A 185 0.20 3.72 2.91
C ALA A 185 1.52 4.47 3.07
N GLY A 186 1.48 5.79 2.91
CA GLY A 186 2.69 6.57 3.13
C GLY A 186 3.21 6.46 4.54
N LEU A 187 2.32 6.33 5.52
CA LEU A 187 2.74 6.20 6.91
C LEU A 187 3.38 4.84 7.16
N VAL A 188 2.88 3.79 6.50
CA VAL A 188 3.55 2.50 6.54
C VAL A 188 4.98 2.64 6.05
N GLY A 189 5.18 3.38 4.96
CA GLY A 189 6.52 3.61 4.47
C GLY A 189 7.40 4.32 5.47
N GLU A 190 6.85 5.31 6.17
CA GLU A 190 7.61 6.00 7.20
C GLU A 190 8.05 5.03 8.30
N GLY A 191 7.09 4.25 8.82
CA GLY A 191 7.43 3.31 9.88
C GLY A 191 8.50 2.31 9.47
N LEU A 192 8.31 1.67 8.32
CA LEU A 192 9.29 0.70 7.85
C LEU A 192 10.66 1.35 7.65
N THR A 193 10.70 2.54 7.06
CA THR A 193 11.97 3.24 6.87
C THR A 193 12.62 3.57 8.20
N ARG A 194 11.81 3.97 9.19
CA ARG A 194 12.35 4.27 10.51
C ARG A 194 12.94 3.02 11.17
N LEU A 195 12.29 1.87 11.00
CA LEU A 195 12.87 0.63 11.51
C LEU A 195 14.15 0.28 10.75
N PHE A 196 14.14 0.43 9.43
CA PHE A 196 15.32 0.11 8.63
C PHE A 196 16.52 0.95 9.07
N VAL A 197 16.34 2.27 9.15
CA VAL A 197 17.44 3.15 9.51
C VAL A 197 17.94 2.85 10.92
N GLU A 198 17.01 2.57 11.84
CA GLU A 198 17.40 2.25 13.21
C GLU A 198 18.27 1.00 13.27
N ALA A 199 17.89 -0.04 12.52
CA ALA A 199 18.68 -1.26 12.46
C ALA A 199 19.88 -1.14 11.53
N GLU A 200 20.20 0.07 11.05
CA GLU A 200 21.31 0.31 10.12
C GLU A 200 21.18 -0.54 8.86
N PHE A 201 19.94 -0.84 8.46
CA PHE A 201 19.66 -1.54 7.21
C PHE A 201 19.29 -0.59 6.08
N GLY A 202 19.17 0.70 6.37
CA GLY A 202 18.91 1.71 5.37
C GLY A 202 19.75 2.94 5.61
N ASN A 203 20.22 3.55 4.53
CA ASN A 203 20.95 4.81 4.58
C ASN A 203 20.12 5.86 5.31
N PRO A 204 20.65 6.47 6.37
CA PRO A 204 19.85 7.43 7.15
C PRO A 204 19.29 8.58 6.34
N ALA A 205 19.88 8.90 5.18
CA ALA A 205 19.36 9.95 4.33
C ALA A 205 17.95 9.69 3.84
N LEU A 206 17.47 8.43 3.91
CA LEU A 206 16.09 8.13 3.56
C LEU A 206 15.10 8.85 4.46
N LEU A 207 15.50 9.21 5.69
CA LEU A 207 14.61 9.93 6.58
C LEU A 207 14.62 11.43 6.31
N SER A 208 15.71 11.94 5.73
CA SER A 208 15.77 13.35 5.38
C SER A 208 15.05 13.67 4.07
N ARG A 209 14.75 12.65 3.25
CA ARG A 209 13.99 12.80 2.01
C ARG A 209 12.72 11.96 2.15
N PRO A 210 11.73 12.44 2.91
CA PRO A 210 10.52 11.63 3.14
C PRO A 210 9.65 11.49 1.91
N ARG A 211 9.93 12.22 0.82
CA ARG A 211 9.21 11.98 -0.43
C ARG A 211 9.48 10.57 -0.97
N LEU A 212 10.62 9.98 -0.60
CA LEU A 212 10.97 8.67 -1.12
C LEU A 212 10.10 7.56 -0.53
N HIS A 213 10.03 7.47 0.80
CA HIS A 213 9.14 6.47 1.39
C HIS A 213 7.68 6.80 1.14
N LYS A 214 7.35 8.08 0.95
CA LYS A 214 5.98 8.43 0.56
C LYS A 214 5.66 7.90 -0.83
N SER A 215 6.60 8.09 -1.78
CA SER A 215 6.40 7.54 -3.12
C SER A 215 6.29 6.02 -3.08
N MET A 216 7.10 5.38 -2.23
CA MET A 216 6.99 3.94 -2.02
C MET A 216 5.56 3.52 -1.71
N GLY A 217 4.96 4.11 -0.68
CA GLY A 217 3.63 3.72 -0.29
C GLY A 217 2.58 4.17 -1.27
N LEU A 218 2.76 5.34 -1.89
CA LEU A 218 1.75 5.84 -2.82
C LEU A 218 1.75 5.04 -4.11
N PHE A 219 2.92 4.60 -4.58
CA PHE A 219 3.00 3.77 -5.76
C PHE A 219 2.20 2.47 -5.57
N LEU A 220 2.35 1.83 -4.43
CA LEU A 220 1.59 0.61 -4.15
C LEU A 220 0.11 0.91 -4.00
N GLN A 221 -0.23 1.90 -3.16
CA GLN A 221 -1.64 2.17 -2.88
C GLN A 221 -2.39 2.64 -4.11
N LYS A 222 -1.77 3.51 -4.92
CA LYS A 222 -2.45 3.99 -6.11
C LYS A 222 -2.68 2.85 -7.10
N THR A 223 -1.69 1.97 -7.26
CA THR A 223 -1.84 0.84 -8.17
C THR A 223 -3.01 -0.05 -7.74
N ASN A 224 -3.16 -0.27 -6.43
CA ASN A 224 -4.28 -1.09 -5.96
C ASN A 224 -5.61 -0.35 -6.12
N ILE A 225 -5.61 0.96 -5.87
CA ILE A 225 -6.84 1.75 -6.05
C ILE A 225 -7.27 1.73 -7.52
N ILE A 226 -6.30 1.77 -8.43
CA ILE A 226 -6.62 1.70 -9.85
C ILE A 226 -7.20 0.35 -10.21
N ARG A 227 -6.52 -0.74 -9.82
CA ARG A 227 -6.93 -2.07 -10.24
C ARG A 227 -8.25 -2.50 -9.59
N ASP A 228 -8.51 -2.05 -8.36
CA ASP A 228 -9.68 -2.49 -7.60
C ASP A 228 -10.90 -1.59 -7.79
N VAL A 229 -10.90 -0.72 -8.81
CA VAL A 229 -11.90 0.35 -8.87
C VAL A 229 -13.32 -0.20 -8.95
N ARG A 230 -13.51 -1.29 -9.69
CA ARG A 230 -14.85 -1.87 -9.80
C ARG A 230 -15.26 -2.52 -8.47
N GLU A 231 -14.39 -3.37 -7.92
CA GLU A 231 -14.64 -3.98 -6.62
C GLU A 231 -15.00 -2.94 -5.57
N ASP A 232 -14.20 -1.88 -5.46
CA ASP A 232 -14.46 -0.84 -4.47
C ASP A 232 -15.78 -0.14 -4.74
N HIS A 233 -16.07 0.14 -6.02
CA HIS A 233 -17.32 0.82 -6.36
C HIS A 233 -18.53 -0.08 -6.07
N ASP A 234 -18.39 -1.39 -6.24
CA ASP A 234 -19.46 -2.33 -5.89
C ASP A 234 -19.61 -2.50 -4.38
N ASP A 235 -18.73 -1.91 -3.57
CA ASP A 235 -18.92 -1.82 -2.13
C ASP A 235 -19.12 -0.38 -1.67
N ASP A 236 -19.50 0.51 -2.59
CA ASP A 236 -19.74 1.92 -2.29
C ASP A 236 -18.49 2.56 -1.68
N ARG A 237 -17.33 2.24 -2.25
CA ARG A 237 -16.07 2.90 -1.91
C ARG A 237 -15.51 3.52 -3.18
N HIS A 238 -15.10 4.78 -3.10
CA HIS A 238 -14.63 5.51 -4.27
C HIS A 238 -13.46 6.40 -3.85
N PHE A 239 -12.27 6.10 -4.39
CA PHE A 239 -11.07 6.84 -4.05
C PHE A 239 -10.49 7.63 -5.22
N TRP A 240 -10.98 7.42 -6.43
CA TRP A 240 -10.49 8.19 -7.57
C TRP A 240 -10.89 9.64 -7.43
N PRO A 241 -9.95 10.59 -7.55
CA PRO A 241 -10.32 12.00 -7.36
C PRO A 241 -11.23 12.50 -8.48
N LYS A 242 -12.23 13.30 -8.09
CA LYS A 242 -13.12 13.89 -9.08
C LYS A 242 -12.37 14.84 -9.99
N GLU A 243 -11.30 15.46 -9.50
CA GLU A 243 -10.46 16.32 -10.33
C GLU A 243 -9.96 15.58 -11.58
N ILE A 244 -9.93 14.25 -11.56
CA ILE A 244 -9.48 13.48 -12.70
C ILE A 244 -10.66 12.90 -13.45
N TRP A 245 -11.51 12.11 -12.78
CA TRP A 245 -12.55 11.40 -13.52
C TRP A 245 -13.65 12.32 -14.03
N SER A 246 -13.77 13.54 -13.50
CA SER A 246 -14.80 14.45 -14.01
C SER A 246 -14.50 14.95 -15.42
N LYS A 247 -13.24 14.87 -15.86
CA LYS A 247 -12.90 15.21 -17.24
C LYS A 247 -13.27 14.13 -18.22
N TYR A 248 -13.82 13.00 -17.76
CA TYR A 248 -14.07 11.85 -18.63
C TYR A 248 -15.52 11.40 -18.56
N VAL A 249 -16.16 11.55 -17.39
CA VAL A 249 -17.56 11.17 -17.21
C VAL A 249 -18.26 12.21 -16.36
N THR A 250 -19.59 12.24 -16.49
CA THR A 250 -20.40 13.15 -15.68
C THR A 250 -20.57 12.64 -14.25
N GLU A 251 -20.86 11.35 -14.10
CA GLU A 251 -20.91 10.69 -12.80
C GLU A 251 -19.93 9.52 -12.79
N PHE A 252 -19.40 9.22 -11.61
CA PHE A 252 -18.41 8.15 -11.48
C PHE A 252 -18.97 6.82 -11.96
N GLU A 253 -20.25 6.57 -11.69
CA GLU A 253 -20.87 5.30 -12.10
C GLU A 253 -20.82 5.10 -13.60
N ASP A 254 -20.76 6.19 -14.38
CA ASP A 254 -20.73 6.08 -15.83
C ASP A 254 -19.51 5.32 -16.35
N LEU A 255 -18.42 5.30 -15.58
CA LEU A 255 -17.20 4.64 -16.01
C LEU A 255 -17.39 3.15 -16.27
N PHE A 256 -18.39 2.54 -15.63
CA PHE A 256 -18.56 1.09 -15.69
C PHE A 256 -19.61 0.66 -16.71
N LYS A 257 -20.23 1.61 -17.40
CA LYS A 257 -21.17 1.27 -18.47
C LYS A 257 -20.39 0.99 -19.76
N PRO A 258 -20.75 -0.07 -20.50
CA PRO A 258 -19.95 -0.47 -21.66
C PRO A 258 -19.85 0.58 -22.75
N GLU A 259 -20.84 1.49 -22.86
CA GLU A 259 -20.82 2.49 -23.91
C GLU A 259 -19.80 3.60 -23.66
N ASN A 260 -19.33 3.75 -22.42
CA ASN A 260 -18.31 4.74 -22.09
C ASN A 260 -16.93 4.12 -21.92
N ARG A 261 -16.73 2.92 -22.47
CA ARG A 261 -15.46 2.22 -22.26
C ARG A 261 -14.28 3.02 -22.80
N GLU A 262 -14.51 3.89 -23.78
CA GLU A 262 -13.41 4.66 -24.35
C GLU A 262 -12.93 5.74 -23.38
N THR A 263 -13.83 6.58 -22.88
CA THR A 263 -13.44 7.56 -21.89
C THR A 263 -12.95 6.90 -20.61
N ALA A 264 -13.53 5.74 -20.24
CA ALA A 264 -13.05 5.02 -19.08
C ALA A 264 -11.58 4.66 -19.21
N LEU A 265 -11.18 4.15 -20.38
CA LEU A 265 -9.77 3.85 -20.61
C LEU A 265 -8.92 5.11 -20.49
N ASN A 266 -9.38 6.21 -21.07
CA ASN A 266 -8.64 7.48 -20.97
C ASN A 266 -8.51 7.92 -19.53
N CYS A 267 -9.57 7.71 -18.74
CA CYS A 267 -9.53 8.08 -17.33
C CYS A 267 -8.53 7.24 -16.56
N GLY A 268 -8.58 5.91 -16.72
CA GLY A 268 -7.59 5.06 -16.09
C GLY A 268 -6.18 5.36 -16.55
N SER A 269 -6.02 5.78 -17.81
CA SER A 269 -4.72 6.18 -18.30
C SER A 269 -4.15 7.32 -17.48
N GLU A 270 -4.97 8.35 -17.21
CA GLU A 270 -4.51 9.45 -16.37
C GLU A 270 -4.28 9.00 -14.93
N MET A 271 -5.10 8.06 -14.44
CA MET A 271 -4.82 7.43 -13.15
C MET A 271 -3.45 6.76 -13.17
N VAL A 272 -3.15 6.00 -14.22
CA VAL A 272 -1.86 5.32 -14.32
C VAL A 272 -0.74 6.35 -14.42
N LEU A 273 -0.95 7.41 -15.21
CA LEU A 273 0.03 8.49 -15.29
C LEU A 273 0.35 9.05 -13.91
N ASN A 274 -0.69 9.31 -13.12
CA ASN A 274 -0.49 9.86 -11.78
C ASN A 274 0.30 8.90 -10.90
N ALA A 275 0.01 7.59 -11.00
CA ALA A 275 0.78 6.61 -10.25
C ALA A 275 2.23 6.56 -10.73
N LEU A 276 2.44 6.59 -12.06
CA LEU A 276 3.78 6.44 -12.62
C LEU A 276 4.72 7.57 -12.20
N GLU A 277 4.18 8.70 -11.74
CA GLU A 277 5.03 9.81 -11.33
C GLU A 277 5.84 9.51 -10.06
N HIS A 278 5.51 8.43 -9.36
CA HIS A 278 6.22 8.02 -8.15
C HIS A 278 7.35 7.05 -8.41
N ALA A 279 7.42 6.46 -9.61
CA ALA A 279 8.28 5.31 -9.85
C ALA A 279 9.76 5.63 -9.68
N GLU A 280 10.19 6.81 -10.16
CA GLU A 280 11.61 7.15 -10.07
C GLU A 280 12.04 7.33 -8.62
N GLU A 281 11.21 7.99 -7.81
CA GLU A 281 11.52 8.13 -6.40
C GLU A 281 11.51 6.78 -5.68
N CYS A 282 10.75 5.82 -6.20
CA CYS A 282 10.81 4.46 -5.66
C CYS A 282 12.17 3.83 -5.93
N LEU A 283 12.70 4.00 -7.15
CA LEU A 283 14.05 3.50 -7.41
C LEU A 283 15.08 4.19 -6.53
N PHE A 284 14.87 5.49 -6.26
CA PHE A 284 15.75 6.21 -5.35
C PHE A 284 15.74 5.59 -3.96
N TYR A 285 14.57 5.19 -3.48
CA TYR A 285 14.45 4.63 -2.13
C TYR A 285 15.13 3.27 -2.03
N LEU A 286 14.89 2.39 -3.02
CA LEU A 286 15.48 1.06 -2.99
C LEU A 286 16.99 1.13 -3.05
N ALA A 287 17.54 2.15 -3.70
CA ALA A 287 18.99 2.34 -3.72
C ALA A 287 19.56 2.61 -2.34
N GLY A 288 18.73 3.05 -1.39
CA GLY A 288 19.18 3.34 -0.04
C GLY A 288 19.16 2.18 0.92
N LEU A 289 18.60 1.04 0.51
CA LEU A 289 18.52 -0.12 1.38
C LEU A 289 19.85 -0.88 1.37
N ARG A 290 20.27 -1.35 2.56
CA ARG A 290 21.60 -1.89 2.74
C ARG A 290 21.62 -3.37 3.16
N GLU A 291 20.45 -3.98 3.39
CA GLU A 291 20.38 -5.38 3.79
C GLU A 291 19.49 -6.13 2.80
N GLN A 292 19.92 -7.35 2.46
CA GLN A 292 19.32 -8.05 1.32
C GLN A 292 17.87 -8.43 1.57
N SER A 293 17.56 -8.96 2.77
CA SER A 293 16.18 -9.34 3.05
C SER A 293 15.27 -8.13 3.13
N VAL A 294 15.81 -6.98 3.56
CA VAL A 294 15.03 -5.74 3.53
C VAL A 294 14.82 -5.28 2.10
N PHE A 295 15.84 -5.45 1.25
CA PHE A 295 15.70 -5.12 -0.17
C PHE A 295 14.58 -5.94 -0.80
N ASN A 296 14.60 -7.27 -0.58
CA ASN A 296 13.56 -8.12 -1.14
C ASN A 296 12.18 -7.71 -0.64
N PHE A 297 12.07 -7.42 0.66
CA PHE A 297 10.78 -7.07 1.25
C PHE A 297 10.19 -5.81 0.62
N CYS A 298 11.04 -4.85 0.24
CA CYS A 298 10.56 -3.62 -0.38
C CYS A 298 10.46 -3.71 -1.89
N ALA A 299 11.35 -4.48 -2.53
CA ALA A 299 11.42 -4.51 -3.98
C ALA A 299 10.30 -5.35 -4.60
N ILE A 300 9.91 -6.45 -3.94
CA ILE A 300 8.88 -7.33 -4.51
C ILE A 300 7.58 -6.58 -4.75
N PRO A 301 6.98 -5.88 -3.77
CA PRO A 301 5.70 -5.20 -4.05
C PRO A 301 5.83 -4.11 -5.10
N GLN A 302 6.98 -3.42 -5.17
CA GLN A 302 7.17 -2.38 -6.18
C GLN A 302 7.17 -2.98 -7.58
N ALA A 303 7.92 -4.06 -7.79
CA ALA A 303 7.94 -4.69 -9.10
C ALA A 303 6.57 -5.24 -9.48
N MET A 304 5.83 -5.77 -8.49
CA MET A 304 4.47 -6.23 -8.76
C MET A 304 3.54 -5.08 -9.09
N ALA A 305 3.75 -3.92 -8.46
CA ALA A 305 2.90 -2.77 -8.73
C ALA A 305 3.05 -2.27 -10.16
N ILE A 306 4.29 -2.14 -10.64
CA ILE A 306 4.48 -1.63 -11.99
C ILE A 306 3.99 -2.63 -13.02
N ALA A 307 4.11 -3.93 -12.74
CA ALA A 307 3.54 -4.94 -13.62
C ALA A 307 2.02 -4.85 -13.65
N THR A 308 1.41 -4.72 -12.47
CA THR A 308 -0.05 -4.56 -12.39
C THR A 308 -0.50 -3.31 -13.12
N LEU A 309 0.26 -2.21 -12.99
CA LEU A 309 -0.06 -0.98 -13.70
C LEU A 309 -0.03 -1.19 -15.20
N GLU A 310 0.99 -1.91 -15.71
CA GLU A 310 1.09 -2.17 -17.13
C GLU A 310 -0.07 -3.05 -17.61
N LEU A 311 -0.47 -4.01 -16.79
CA LEU A 311 -1.61 -4.85 -17.16
C LEU A 311 -2.91 -4.05 -17.21
N CYS A 312 -3.02 -3.01 -16.37
CA CYS A 312 -4.26 -2.23 -16.32
C CYS A 312 -4.29 -1.13 -17.38
N PHE A 313 -3.13 -0.66 -17.82
CA PHE A 313 -3.06 0.44 -18.78
C PHE A 313 -3.76 0.06 -20.09
N ARG A 314 -4.78 0.86 -20.45
CA ARG A 314 -5.58 0.66 -21.66
C ARG A 314 -6.30 -0.69 -21.67
N ASN A 315 -6.45 -1.33 -20.51
CA ASN A 315 -7.13 -2.61 -20.43
C ASN A 315 -8.57 -2.38 -19.99
N PRO A 316 -9.56 -2.69 -20.84
CA PRO A 316 -10.96 -2.48 -20.44
C PRO A 316 -11.49 -3.50 -19.45
N ASP A 317 -10.81 -4.63 -19.25
CA ASP A 317 -11.27 -5.60 -18.27
C ASP A 317 -11.21 -5.03 -16.86
N MET A 318 -10.33 -4.05 -16.64
CA MET A 318 -10.17 -3.44 -15.32
C MET A 318 -11.47 -2.88 -14.78
N PHE A 319 -12.34 -2.38 -15.65
CA PHE A 319 -13.62 -1.83 -15.24
C PHE A 319 -14.72 -2.87 -15.08
N ASP A 320 -14.46 -4.12 -15.47
CA ASP A 320 -15.46 -5.18 -15.38
C ASP A 320 -15.20 -6.18 -14.27
N ARG A 321 -13.94 -6.42 -13.92
CA ARG A 321 -13.60 -7.43 -12.92
C ARG A 321 -12.27 -7.05 -12.31
N ASN A 322 -11.76 -7.92 -11.43
CA ASN A 322 -10.45 -7.75 -10.83
C ASN A 322 -9.44 -8.54 -11.67
N ILE A 323 -8.51 -7.84 -12.31
CA ILE A 323 -7.54 -8.48 -13.19
C ILE A 323 -6.22 -8.63 -12.43
N LYS A 324 -5.52 -9.71 -12.71
CA LYS A 324 -4.24 -9.97 -12.02
C LYS A 324 -3.21 -10.41 -13.04
N ILE A 325 -1.94 -10.23 -12.71
CA ILE A 325 -0.88 -10.66 -13.60
C ILE A 325 -0.78 -12.18 -13.57
N THR A 326 -0.32 -12.76 -14.68
CA THR A 326 -0.28 -14.20 -14.84
C THR A 326 0.71 -14.82 -13.85
N LYS A 327 0.56 -16.13 -13.63
CA LYS A 327 1.36 -16.80 -12.62
C LYS A 327 2.80 -16.95 -13.08
N GLY A 328 3.01 -17.21 -14.38
CA GLY A 328 4.36 -17.24 -14.90
C GLY A 328 5.05 -15.89 -14.80
N GLU A 329 4.31 -14.81 -15.01
CA GLU A 329 4.87 -13.47 -14.88
C GLU A 329 5.19 -13.17 -13.42
N ALA A 330 4.26 -13.47 -12.51
CA ALA A 330 4.48 -13.19 -11.10
C ALA A 330 5.68 -13.97 -10.58
N CYS A 331 5.90 -15.18 -11.08
CA CYS A 331 6.99 -16.00 -10.61
C CYS A 331 8.33 -15.49 -11.14
N GLN A 332 8.36 -15.01 -12.40
CA GLN A 332 9.53 -14.33 -12.91
C GLN A 332 9.85 -13.08 -12.08
N LEU A 333 8.83 -12.25 -11.84
CA LEU A 333 9.02 -11.02 -11.08
C LEU A 333 9.62 -11.30 -9.70
N MET A 334 9.19 -12.38 -9.05
CA MET A 334 9.69 -12.70 -7.73
C MET A 334 11.18 -13.02 -7.76
N MET A 335 11.64 -13.64 -8.85
CA MET A 335 13.08 -13.87 -9.01
C MET A 335 13.82 -12.57 -9.30
N GLU A 336 13.23 -11.71 -10.13
CA GLU A 336 13.85 -10.45 -10.52
C GLU A 336 13.80 -9.38 -9.43
N SER A 337 13.01 -9.59 -8.38
CA SER A 337 12.92 -8.63 -7.27
C SER A 337 13.64 -9.11 -6.03
N THR A 338 14.35 -10.22 -6.10
CA THR A 338 15.06 -10.79 -4.96
C THR A 338 16.54 -10.96 -5.27
N GLN A 339 17.10 -10.08 -6.11
CA GLN A 339 18.50 -10.13 -6.45
C GLN A 339 19.14 -8.82 -6.01
N ASN A 340 19.37 -7.89 -6.93
CA ASN A 340 19.98 -6.62 -6.57
C ASN A 340 19.23 -5.46 -7.23
N LEU A 341 19.73 -4.24 -7.03
CA LEU A 341 19.07 -3.07 -7.59
C LEU A 341 19.14 -3.08 -9.12
N HIS A 342 20.25 -3.54 -9.68
CA HIS A 342 20.39 -3.60 -11.13
C HIS A 342 19.29 -4.45 -11.75
N VAL A 343 19.07 -5.65 -11.23
CA VAL A 343 18.06 -6.54 -11.80
C VAL A 343 16.67 -5.94 -11.66
N LEU A 344 16.38 -5.33 -10.51
CA LEU A 344 15.07 -4.72 -10.33
C LEU A 344 14.85 -3.57 -11.29
N CYS A 345 15.88 -2.74 -11.51
CA CYS A 345 15.73 -1.62 -12.43
C CYS A 345 15.46 -2.07 -13.85
N ASP A 346 15.99 -3.23 -14.25
CA ASP A 346 15.70 -3.75 -15.58
C ASP A 346 14.24 -4.17 -15.70
N THR A 347 13.68 -4.73 -14.63
CA THR A 347 12.25 -5.04 -14.61
C THR A 347 11.42 -3.77 -14.76
N PHE A 348 11.77 -2.73 -14.02
CA PHE A 348 11.05 -1.46 -14.13
C PHE A 348 11.17 -0.90 -15.53
N ARG A 349 12.38 -0.93 -16.11
CA ARG A 349 12.57 -0.46 -17.47
C ARG A 349 11.72 -1.25 -18.46
N ARG A 350 11.59 -2.55 -18.24
CA ARG A 350 10.85 -3.41 -19.17
C ARG A 350 9.37 -3.03 -19.19
N TYR A 351 8.76 -2.89 -18.02
CA TYR A 351 7.33 -2.58 -17.96
C TYR A 351 7.05 -1.13 -18.31
N ALA A 352 8.00 -0.23 -18.05
CA ALA A 352 7.86 1.14 -18.53
C ALA A 352 7.86 1.19 -20.05
N ARG A 353 8.66 0.33 -20.70
CA ARG A 353 8.65 0.26 -22.15
C ARG A 353 7.36 -0.36 -22.67
N ARG A 354 6.82 -1.36 -21.96
CA ARG A 354 5.56 -1.95 -22.36
C ARG A 354 4.43 -0.94 -22.30
N ILE A 355 4.39 -0.12 -21.24
CA ILE A 355 3.40 0.95 -21.16
C ILE A 355 3.65 1.98 -22.26
N HIS A 356 4.92 2.31 -22.49
CA HIS A 356 5.30 3.25 -23.54
C HIS A 356 4.76 2.82 -24.90
N LYS A 357 4.78 1.51 -25.17
CA LYS A 357 4.37 1.02 -26.49
C LYS A 357 2.85 0.93 -26.61
N LYS A 358 2.15 0.54 -25.53
CA LYS A 358 0.69 0.52 -25.56
C LYS A 358 0.10 1.93 -25.66
N ASN A 359 0.88 2.95 -25.31
CA ASN A 359 0.42 4.33 -25.37
C ASN A 359 0.01 4.71 -26.79
N THR A 360 -1.21 5.23 -26.95
CA THR A 360 -1.75 5.54 -28.26
C THR A 360 -2.08 7.02 -28.38
N PRO A 361 -1.86 7.62 -29.55
CA PRO A 361 -2.19 9.05 -29.73
C PRO A 361 -3.66 9.37 -29.54
N LYS A 362 -4.55 8.39 -29.66
CA LYS A 362 -5.98 8.65 -29.40
C LYS A 362 -6.22 9.10 -27.98
N ASP A 363 -5.30 8.80 -27.07
CA ASP A 363 -5.40 9.11 -25.65
C ASP A 363 -5.11 10.59 -25.42
N PRO A 364 -5.96 11.32 -24.70
CA PRO A 364 -5.62 12.71 -24.35
C PRO A 364 -4.41 12.83 -23.44
N ASN A 365 -4.00 11.75 -22.77
CA ASN A 365 -2.79 11.74 -21.96
C ASN A 365 -1.59 11.20 -22.72
N PHE A 366 -1.68 11.08 -24.04
CA PHE A 366 -0.66 10.41 -24.84
C PHE A 366 0.74 10.95 -24.56
N LEU A 367 0.92 12.26 -24.72
CA LEU A 367 2.25 12.85 -24.60
C LEU A 367 2.81 12.69 -23.20
N LYS A 368 1.99 12.96 -22.18
CA LYS A 368 2.49 12.91 -20.81
C LYS A 368 2.83 11.49 -20.36
N ILE A 369 2.13 10.49 -20.89
CA ILE A 369 2.48 9.12 -20.57
C ILE A 369 3.82 8.76 -21.18
N SER A 370 4.07 9.17 -22.43
CA SER A 370 5.35 8.89 -23.07
C SER A 370 6.49 9.59 -22.33
N ILE A 371 6.25 10.80 -21.84
CA ILE A 371 7.31 11.57 -21.17
C ILE A 371 7.74 10.88 -19.88
N VAL A 372 6.77 10.48 -19.05
CA VAL A 372 7.12 9.84 -17.78
C VAL A 372 7.77 8.49 -18.03
N CYS A 373 7.28 7.73 -19.02
CA CYS A 373 7.92 6.48 -19.37
C CYS A 373 9.35 6.70 -19.83
N GLY A 374 9.58 7.72 -20.66
CA GLY A 374 10.93 8.04 -21.10
C GLY A 374 11.83 8.44 -19.95
N LYS A 375 11.32 9.26 -19.03
CA LYS A 375 12.13 9.65 -17.88
C LYS A 375 12.53 8.43 -17.05
N ILE A 376 11.61 7.48 -16.87
CA ILE A 376 11.93 6.27 -16.13
C ILE A 376 12.99 5.46 -16.88
N GLU A 377 12.79 5.25 -18.18
CA GLU A 377 13.74 4.47 -18.97
C GLU A 377 15.10 5.14 -19.01
N LYS A 378 15.11 6.46 -19.25
CA LYS A 378 16.41 7.16 -19.42
C LYS A 378 17.13 7.25 -18.07
N PHE A 379 16.38 7.34 -16.98
CA PHE A 379 17.01 7.35 -15.66
C PHE A 379 17.69 6.01 -15.36
N ILE A 380 17.00 4.91 -15.66
CA ILE A 380 17.59 3.59 -15.46
C ILE A 380 18.80 3.40 -16.36
N ASP A 381 18.72 3.88 -17.60
CA ASP A 381 19.85 3.78 -18.51
C ASP A 381 21.07 4.52 -17.99
N THR A 382 20.85 5.61 -17.25
CA THR A 382 21.96 6.38 -16.70
C THR A 382 22.61 5.64 -15.52
N ILE A 383 21.80 5.06 -14.63
CA ILE A 383 22.37 4.25 -13.56
C ILE A 383 23.05 3.02 -14.16
N PHE A 384 22.31 2.28 -14.98
CA PHE A 384 22.77 1.01 -15.51
C PHE A 384 22.67 1.00 -17.04
#